data_9OI0
#
_entry.id   9OI0
#
_cell.length_a   57.566
_cell.length_b   77.849
_cell.length_c   92.123
_cell.angle_alpha   90.00
_cell.angle_beta   90.00
_cell.angle_gamma   90.00
#
_symmetry.space_group_name_H-M   'P 21 21 21'
#
loop_
_entity.id
_entity.type
_entity.pdbx_description
1 polymer 'T-cell surface glycoprotein CD1b'
2 polymer Beta-2-microglobulin
3 branched alpha-D-mannopyranose-(1-3)-[alpha-D-mannopyranose-(1-6)]beta-D-mannopyranose-(1-4)-2-acetamido-2-deoxy-beta-D-glucopyranose-(1-4)-[alpha-L-fucopyranose-(1-3)][alpha-L-fucopyranose-(1-6)]2-acetamido-2-deoxy-beta-D-glucopyranose
4 branched 2-acetamido-2-deoxy-beta-D-glucopyranose-(1-4)-[alpha-L-fucopyranose-(1-6)]2-acetamido-2-deoxy-beta-D-glucopyranose
5 non-polymer 'IODIDE ION'
6 non-polymer 'CHLORIDE ION'
7 non-polymer 1,2-ETHANEDIOL
8 non-polymer N-{(2S,3R,4E)-1-[(4-O-beta-D-galactopyranosyl-beta-D-glucopyranosyl)oxy]-3-hydroxyoctadec-4-en-2-yl}octadecanamide
9 non-polymer 'tetracosyl octadecanoate'
10 non-polymer 'SODIUM ION'
11 water water
#
loop_
_entity_poly.entity_id
_entity_poly.type
_entity_poly.pdbx_seq_one_letter_code
_entity_poly.pdbx_strand_id
1 'polypeptide(L)'
;FQGPTSFHVIQTSSFTNSTWAQTQGSGWLDDLQIHGWDSDSGTAIFLKPWSKGNFSDKEVAELEEIFRVYIFGFAREVQD
FAGDFQMKYPFEIQGIAGCELHSGGAIVSFLRGALGGLDFLSVKNASCVPSPEGGSRAQKFCALIIQYQGIMETVRILLY
ETCPRYLLGVLNAGKADLQRQVKPEAWLSSGPSPGPGRLQLVCHVSGFYPKPVWVMWMRGEQEQQGTQLGDILPNANWTW
YLRATLDVADGEAAGLSCRVKHSSLEGQDIILYWRGSGLN
;
A
2 'polypeptide(L)'
;PKIQRTPKIQVYSRHPAENGKSNFLNCYVSGFHPSDIEVDLLKNGERIEKVEHSDLSFSKDWSFYLLYYTEFTPTEKDEY
ACRVNHVTLSQPKIVKWDRD
;
B
#
# COMPACT_ATOMS: atom_id res chain seq x y z
N PHE A 1 -9.95 7.33 -19.10
CA PHE A 1 -8.53 6.99 -19.01
C PHE A 1 -8.37 6.05 -17.82
N GLN A 2 -7.33 5.24 -17.86
CA GLN A 2 -7.05 4.26 -16.85
C GLN A 2 -5.88 4.70 -15.97
N GLY A 3 -5.61 3.92 -14.96
CA GLY A 3 -4.54 4.21 -14.03
C GLY A 3 -4.98 5.12 -12.90
N PRO A 4 -4.02 5.57 -12.11
CA PRO A 4 -4.32 6.39 -10.93
C PRO A 4 -5.07 7.67 -11.27
N THR A 5 -5.88 8.13 -10.31
CA THR A 5 -6.66 9.36 -10.43
C THR A 5 -6.44 10.34 -9.28
N SER A 6 -5.50 10.05 -8.38
N SER A 6 -5.55 10.03 -8.35
CA SER A 6 -5.31 10.88 -7.19
CA SER A 6 -5.32 10.86 -7.18
C SER A 6 -3.83 11.06 -6.92
C SER A 6 -3.83 11.09 -6.99
N PHE A 7 -3.48 12.19 -6.33
CA PHE A 7 -2.14 12.43 -5.84
C PHE A 7 -2.25 12.70 -4.34
N HIS A 8 -1.34 12.12 -3.55
CA HIS A 8 -1.34 12.57 -2.16
C HIS A 8 0.06 12.50 -1.59
N VAL A 9 0.30 13.31 -0.57
CA VAL A 9 1.53 13.21 0.18
C VAL A 9 1.17 12.62 1.53
N ILE A 10 2.11 11.82 2.09
CA ILE A 10 1.91 11.30 3.43
C ILE A 10 3.07 11.70 4.33
N GLN A 11 2.76 11.72 5.63
CA GLN A 11 3.64 12.04 6.75
C GLN A 11 3.46 11.03 7.87
N THR A 12 4.58 10.55 8.42
CA THR A 12 4.60 9.77 9.65
C THR A 12 5.64 10.39 10.55
N SER A 13 5.22 10.94 11.69
CA SER A 13 6.12 11.62 12.61
C SER A 13 6.12 10.79 13.88
N SER A 14 7.29 10.27 14.25
CA SER A 14 7.41 9.38 15.38
C SER A 14 8.12 10.14 16.48
N PHE A 15 7.44 10.32 17.61
CA PHE A 15 7.94 11.07 18.74
C PHE A 15 8.36 10.06 19.79
N THR A 16 9.67 9.93 20.00
CA THR A 16 10.19 8.96 20.94
C THR A 16 10.16 9.49 22.35
N ASN A 17 10.56 10.75 22.51
CA ASN A 17 10.57 11.41 23.80
C ASN A 17 10.54 12.90 23.54
N SER A 18 10.61 13.69 24.61
CA SER A 18 10.48 15.13 24.50
C SER A 18 11.55 15.77 23.63
N THR A 19 12.66 15.08 23.36
CA THR A 19 13.75 15.66 22.56
C THR A 19 14.08 14.90 21.27
N TRP A 20 13.35 13.86 20.93
CA TRP A 20 13.69 13.06 19.76
C TRP A 20 12.44 12.70 18.98
N ALA A 21 12.34 13.22 17.76
CA ALA A 21 11.28 12.95 16.81
C ALA A 21 11.90 12.82 15.42
N GLN A 22 11.31 11.95 14.60
CA GLN A 22 11.81 11.74 13.25
C GLN A 22 10.60 11.64 12.33
N THR A 23 10.67 12.22 11.13
CA THR A 23 9.53 12.20 10.20
C THR A 23 9.92 11.50 8.90
N GLN A 24 8.98 10.72 8.36
CA GLN A 24 9.11 10.04 7.08
C GLN A 24 7.99 10.57 6.20
N GLY A 25 8.28 10.79 4.92
CA GLY A 25 7.29 11.35 4.01
C GLY A 25 7.48 10.83 2.61
N SER A 26 6.40 10.95 1.83
CA SER A 26 6.47 10.46 0.45
C SER A 26 5.26 10.96 -0.34
N GLY A 27 5.35 10.85 -1.67
CA GLY A 27 4.29 11.31 -2.58
C GLY A 27 3.85 10.17 -3.46
N TRP A 28 2.54 10.09 -3.71
CA TRP A 28 1.93 8.91 -4.34
C TRP A 28 0.87 9.31 -5.36
N LEU A 29 0.77 8.50 -6.41
CA LEU A 29 -0.37 8.51 -7.36
C LEU A 29 -1.12 7.22 -7.04
N ASP A 30 -2.28 7.33 -6.37
CA ASP A 30 -2.98 6.17 -5.78
C ASP A 30 -1.96 5.41 -4.92
N ASP A 31 -1.72 4.12 -5.18
CA ASP A 31 -0.73 3.36 -4.41
C ASP A 31 0.65 3.29 -5.05
N LEU A 32 0.91 4.07 -6.12
CA LEU A 32 2.18 4.03 -6.83
C LEU A 32 3.04 5.17 -6.27
N GLN A 33 4.22 4.86 -5.75
CA GLN A 33 5.03 5.94 -5.18
C GLN A 33 5.73 6.72 -6.29
N ILE A 34 5.62 8.05 -6.26
CA ILE A 34 6.33 8.87 -7.23
C ILE A 34 7.35 9.82 -6.60
N HIS A 35 7.25 10.11 -5.31
CA HIS A 35 8.22 10.93 -4.60
C HIS A 35 8.64 10.25 -3.31
N GLY A 36 9.92 10.41 -2.97
CA GLY A 36 10.42 10.05 -1.66
C GLY A 36 10.81 11.33 -0.95
N TRP A 37 10.87 11.33 0.39
CA TRP A 37 11.40 12.49 1.11
C TRP A 37 12.72 12.07 1.74
N ASP A 38 13.80 12.80 1.44
CA ASP A 38 15.13 12.48 1.93
C ASP A 38 15.43 13.33 3.15
N SER A 39 15.33 12.68 4.32
CA SER A 39 15.64 13.33 5.59
C SER A 39 17.13 13.70 5.69
N ASP A 40 18.02 13.07 4.90
CA ASP A 40 19.45 13.44 4.96
C ASP A 40 19.68 14.86 4.48
N SER A 41 18.87 15.28 3.51
CA SER A 41 18.97 16.56 2.84
C SER A 41 17.79 17.48 3.05
N GLY A 42 16.65 16.96 3.51
CA GLY A 42 15.49 17.81 3.56
C GLY A 42 14.96 18.15 2.19
N THR A 43 15.07 17.22 1.23
CA THR A 43 14.58 17.50 -0.10
C THR A 43 13.85 16.28 -0.64
N ALA A 44 13.13 16.46 -1.75
CA ALA A 44 12.40 15.35 -2.33
C ALA A 44 13.25 14.55 -3.31
N ILE A 45 12.93 13.27 -3.41
CA ILE A 45 13.52 12.35 -4.36
C ILE A 45 12.47 12.12 -5.43
N PHE A 46 12.80 12.36 -6.70
CA PHE A 46 11.83 12.20 -7.79
C PHE A 46 12.05 10.81 -8.39
N LEU A 47 11.10 9.91 -8.18
CA LEU A 47 11.28 8.49 -8.53
C LEU A 47 11.07 8.18 -10.02
N LYS A 48 10.39 9.03 -10.76
CA LYS A 48 10.18 8.86 -12.19
C LYS A 48 10.66 10.12 -12.89
N PRO A 49 11.09 10.02 -14.15
CA PRO A 49 11.58 11.22 -14.85
C PRO A 49 10.52 12.31 -14.97
N TRP A 50 9.24 11.93 -14.91
CA TRP A 50 8.11 12.83 -15.07
C TRP A 50 7.47 13.24 -13.75
N SER A 51 8.13 12.95 -12.61
CA SER A 51 7.57 13.19 -11.28
C SER A 51 7.35 14.66 -10.95
N LYS A 52 7.97 15.59 -11.68
CA LYS A 52 7.70 17.00 -11.41
C LYS A 52 6.45 17.50 -12.14
N GLY A 53 5.79 16.63 -12.93
CA GLY A 53 4.62 17.00 -13.72
C GLY A 53 4.94 18.14 -14.65
N ASN A 54 4.07 19.17 -14.67
CA ASN A 54 4.32 20.34 -15.49
C ASN A 54 4.85 21.50 -14.66
N PHE A 55 5.31 21.23 -13.44
CA PHE A 55 5.82 22.32 -12.58
C PHE A 55 7.24 22.71 -12.97
N SER A 56 7.55 24.01 -12.88
CA SER A 56 8.91 24.47 -13.13
C SER A 56 9.81 24.05 -11.98
N ASP A 57 11.12 24.01 -12.23
CA ASP A 57 12.01 23.68 -11.12
C ASP A 57 11.88 24.67 -9.99
N LYS A 58 11.58 25.94 -10.29
CA LYS A 58 11.46 26.93 -9.23
C LYS A 58 10.30 26.60 -8.30
N GLU A 59 9.12 26.30 -8.88
CA GLU A 59 7.99 25.97 -8.04
C GLU A 59 8.24 24.69 -7.26
N VAL A 60 8.87 23.69 -7.89
CA VAL A 60 9.15 22.46 -7.15
C VAL A 60 10.03 22.77 -5.96
N ALA A 61 11.09 23.57 -6.18
CA ALA A 61 11.96 23.93 -5.07
C ALA A 61 11.20 24.70 -3.99
N GLU A 62 10.25 25.56 -4.38
CA GLU A 62 9.49 26.30 -3.38
C GLU A 62 8.65 25.35 -2.53
N LEU A 63 8.05 24.34 -3.17
CA LEU A 63 7.26 23.35 -2.44
C LEU A 63 8.14 22.49 -1.54
N GLU A 64 9.30 22.08 -2.03
CA GLU A 64 10.18 21.32 -1.14
C GLU A 64 10.55 22.18 0.06
N GLU A 65 10.81 23.48 -0.13
CA GLU A 65 11.10 24.34 1.01
C GLU A 65 9.93 24.43 1.98
N ILE A 66 8.71 24.57 1.44
CA ILE A 66 7.54 24.60 2.31
C ILE A 66 7.49 23.34 3.16
N PHE A 67 7.67 22.18 2.52
CA PHE A 67 7.62 20.92 3.26
C PHE A 67 8.75 20.80 4.26
N ARG A 68 9.97 21.18 3.90
CA ARG A 68 11.09 21.12 4.82
C ARG A 68 10.81 21.94 6.07
N VAL A 69 10.34 23.18 5.87
CA VAL A 69 10.06 24.07 6.99
C VAL A 69 8.92 23.50 7.83
N TYR A 70 7.92 22.95 7.16
CA TYR A 70 6.80 22.35 7.88
C TYR A 70 7.25 21.18 8.74
N ILE A 71 8.03 20.26 8.17
CA ILE A 71 8.43 19.06 8.91
C ILE A 71 9.23 19.45 10.16
N PHE A 72 10.10 20.44 10.00
CA PHE A 72 10.90 20.85 11.15
C PHE A 72 10.02 21.52 12.19
N GLY A 73 9.23 22.51 11.76
CA GLY A 73 8.41 23.25 12.68
C GLY A 73 7.40 22.39 13.40
N PHE A 74 6.79 21.45 12.67
CA PHE A 74 5.79 20.56 13.24
C PHE A 74 6.36 19.78 14.40
N ALA A 75 7.50 19.13 14.19
CA ALA A 75 8.08 18.37 15.30
C ALA A 75 8.34 19.30 16.50
N ARG A 76 8.89 20.48 16.23
CA ARG A 76 9.21 21.40 17.32
C ARG A 76 7.97 21.87 18.08
N GLU A 77 6.94 22.28 17.36
CA GLU A 77 5.71 22.77 17.97
C GLU A 77 5.03 21.69 18.79
N VAL A 78 4.99 20.46 18.26
CA VAL A 78 4.34 19.38 18.99
C VAL A 78 5.10 19.06 20.27
N GLN A 79 6.44 19.13 20.23
CA GLN A 79 7.19 18.93 21.46
C GLN A 79 6.90 20.05 22.46
N ASP A 80 6.76 21.28 21.98
CA ASP A 80 6.50 22.35 22.94
C ASP A 80 5.15 22.17 23.60
N PHE A 81 4.09 21.99 22.81
CA PHE A 81 2.72 21.71 23.23
C PHE A 81 2.43 20.33 23.86
N ALA A 82 3.33 19.35 23.78
CA ALA A 82 3.01 18.00 24.27
C ALA A 82 2.52 17.99 25.72
N GLY A 83 3.11 18.82 26.57
CA GLY A 83 2.65 18.89 27.95
C GLY A 83 1.25 19.46 28.05
N ASP A 84 0.99 20.53 27.31
CA ASP A 84 -0.31 21.19 27.31
C ASP A 84 -1.43 20.25 26.85
N PHE A 85 -1.08 19.25 26.04
CA PHE A 85 -2.01 18.29 25.45
C PHE A 85 -1.99 16.92 26.10
N GLN A 86 -1.54 16.81 27.34
CA GLN A 86 -1.50 15.56 28.08
C GLN A 86 -1.02 14.42 27.15
N MET A 87 0.22 14.54 26.69
CA MET A 87 0.78 13.63 25.70
C MET A 87 1.80 12.68 26.32
N LYS A 88 1.56 11.38 26.23
CA LYS A 88 2.49 10.39 26.75
C LYS A 88 3.36 9.88 25.61
N TYR A 89 4.69 9.81 25.85
CA TYR A 89 5.63 9.27 24.89
C TYR A 89 5.76 7.75 25.05
N PRO A 90 6.02 7.03 23.98
CA PRO A 90 6.20 7.51 22.62
C PRO A 90 4.84 7.66 21.95
N PHE A 91 4.75 8.45 20.88
CA PHE A 91 3.50 8.50 20.13
C PHE A 91 3.86 8.79 18.69
N GLU A 92 2.91 8.50 17.80
CA GLU A 92 3.09 8.63 16.36
C GLU A 92 1.94 9.42 15.79
N ILE A 93 2.25 10.37 14.91
CA ILE A 93 1.23 11.15 14.22
C ILE A 93 1.32 10.84 12.74
N GLN A 94 0.17 10.72 12.09
CA GLN A 94 0.17 10.50 10.65
C GLN A 94 -0.68 11.56 9.97
N GLY A 95 -0.31 11.88 8.74
CA GLY A 95 -1.08 12.81 7.94
C GLY A 95 -1.07 12.41 6.48
N ILE A 96 -2.15 12.77 5.78
CA ILE A 96 -2.26 12.55 4.35
C ILE A 96 -3.00 13.73 3.74
N ALA A 97 -2.52 14.23 2.60
CA ALA A 97 -3.21 15.35 1.99
C ALA A 97 -3.09 15.24 0.47
N GLY A 98 -4.12 15.63 -0.25
CA GLY A 98 -3.99 15.56 -1.69
C GLY A 98 -5.30 15.85 -2.39
N CYS A 99 -5.40 15.36 -3.61
CA CYS A 99 -6.60 15.60 -4.40
C CYS A 99 -6.81 14.47 -5.39
N GLU A 100 -8.04 14.38 -5.88
CA GLU A 100 -8.42 13.28 -6.76
C GLU A 100 -9.41 13.78 -7.79
N LEU A 101 -9.25 13.25 -8.99
CA LEU A 101 -10.07 13.56 -10.16
C LEU A 101 -11.24 12.60 -10.25
N HIS A 102 -12.47 13.11 -10.23
CA HIS A 102 -13.66 12.26 -10.29
C HIS A 102 -14.21 12.19 -11.73
N SER A 103 -15.10 11.22 -11.96
N SER A 103 -15.11 11.23 -11.95
CA SER A 103 -15.82 11.19 -13.23
CA SER A 103 -15.85 11.19 -13.22
C SER A 103 -16.66 12.45 -13.35
C SER A 103 -16.66 12.47 -13.35
N GLY A 104 -16.70 13.03 -14.55
CA GLY A 104 -17.28 14.35 -14.74
C GLY A 104 -16.27 15.50 -14.63
N GLY A 105 -15.06 15.22 -14.14
CA GLY A 105 -13.97 16.19 -14.13
C GLY A 105 -13.71 16.96 -12.84
N ALA A 106 -14.58 16.88 -11.85
CA ALA A 106 -14.34 17.63 -10.62
C ALA A 106 -13.12 17.05 -9.91
N ILE A 107 -12.32 17.93 -9.30
CA ILE A 107 -11.19 17.53 -8.48
C ILE A 107 -11.52 17.90 -7.04
N VAL A 108 -11.45 16.91 -6.16
CA VAL A 108 -11.80 17.03 -4.75
C VAL A 108 -10.53 16.86 -3.94
N SER A 109 -10.34 17.72 -2.96
CA SER A 109 -9.13 17.72 -2.14
C SER A 109 -9.47 17.24 -0.73
N PHE A 110 -8.45 16.76 -0.04
CA PHE A 110 -8.66 16.23 1.30
C PHE A 110 -7.39 16.42 2.11
N LEU A 111 -7.54 16.45 3.44
CA LEU A 111 -6.42 16.45 4.37
C LEU A 111 -6.93 15.75 5.63
N ARG A 112 -6.23 14.73 6.06
N ARG A 112 -6.18 14.75 6.10
CA ARG A 112 -6.59 14.07 7.31
CA ARG A 112 -6.63 13.93 7.23
C ARG A 112 -5.35 13.86 8.16
C ARG A 112 -5.43 13.62 8.14
N GLY A 113 -5.62 13.78 9.44
CA GLY A 113 -4.55 13.60 10.42
C GLY A 113 -4.95 12.54 11.44
N ALA A 114 -3.95 11.84 11.96
CA ALA A 114 -4.16 10.78 12.93
C ALA A 114 -3.17 10.89 14.08
N LEU A 115 -3.58 10.36 15.23
CA LEU A 115 -2.77 10.21 16.42
C LEU A 115 -3.01 8.82 16.99
N GLY A 116 -1.92 8.10 17.27
CA GLY A 116 -2.04 6.74 17.81
C GLY A 116 -2.75 5.77 16.88
N GLY A 117 -2.72 6.04 15.58
CA GLY A 117 -3.37 5.21 14.60
C GLY A 117 -4.86 5.43 14.49
N LEU A 118 -5.40 6.46 15.14
CA LEU A 118 -6.81 6.79 15.03
C LEU A 118 -6.99 8.17 14.43
N ASP A 119 -8.09 8.35 13.67
CA ASP A 119 -8.39 9.67 13.13
C ASP A 119 -8.41 10.73 14.24
N PHE A 120 -7.89 11.90 13.90
CA PHE A 120 -7.71 13.00 14.83
C PHE A 120 -8.34 14.27 14.28
N LEU A 121 -8.04 14.63 13.04
CA LEU A 121 -8.63 15.82 12.44
C LEU A 121 -8.75 15.64 10.92
N SER A 122 -9.44 16.61 10.31
CA SER A 122 -9.51 16.69 8.85
C SER A 122 -9.63 18.17 8.49
N VAL A 123 -9.48 18.46 7.20
CA VAL A 123 -9.67 19.81 6.69
C VAL A 123 -10.88 19.74 5.77
N LYS A 124 -11.93 20.46 6.14
CA LYS A 124 -13.18 20.45 5.41
C LYS A 124 -13.45 21.90 5.04
N ASN A 125 -13.50 22.19 3.73
CA ASN A 125 -13.70 23.55 3.20
C ASN A 125 -12.84 24.60 3.93
N ALA A 126 -11.52 24.42 3.84
CA ALA A 126 -10.51 25.31 4.40
C ALA A 126 -10.50 25.41 5.93
N SER A 127 -11.29 24.61 6.65
CA SER A 127 -11.38 24.70 8.11
C SER A 127 -10.86 23.42 8.76
N CYS A 128 -10.20 23.58 9.92
CA CYS A 128 -9.80 22.45 10.76
C CYS A 128 -11.02 21.86 11.47
N VAL A 129 -11.29 20.59 11.24
CA VAL A 129 -12.41 19.85 11.83
C VAL A 129 -11.89 18.75 12.75
N PRO A 130 -12.17 18.80 14.05
CA PRO A 130 -11.73 17.72 14.92
C PRO A 130 -12.56 16.46 14.67
N SER A 131 -11.88 15.33 14.66
CA SER A 131 -12.57 14.05 14.56
C SER A 131 -13.02 13.61 15.97
N PRO A 132 -14.18 12.93 16.07
CA PRO A 132 -14.64 12.48 17.38
C PRO A 132 -13.63 11.58 18.10
N GLU A 133 -12.90 10.72 17.37
CA GLU A 133 -11.88 9.89 18.00
C GLU A 133 -10.79 10.71 18.67
N GLY A 134 -10.52 11.93 18.17
CA GLY A 134 -9.51 12.80 18.77
C GLY A 134 -9.97 13.50 20.03
N GLY A 135 -11.27 13.46 20.28
CA GLY A 135 -11.88 14.04 21.46
C GLY A 135 -11.49 15.48 21.70
N SER A 136 -11.45 15.85 22.98
CA SER A 136 -11.13 17.22 23.33
C SER A 136 -9.75 17.60 22.83
N ARG A 137 -8.82 16.63 22.80
CA ARG A 137 -7.48 16.93 22.32
C ARG A 137 -7.52 17.50 20.91
N ALA A 138 -8.29 16.88 20.02
CA ALA A 138 -8.38 17.41 18.67
C ALA A 138 -9.07 18.76 18.67
N GLN A 139 -10.06 18.96 19.55
CA GLN A 139 -10.68 20.28 19.61
C GLN A 139 -9.64 21.33 19.99
N LYS A 140 -8.79 21.03 20.99
CA LYS A 140 -7.81 22.04 21.37
C LYS A 140 -6.86 22.31 20.22
N PHE A 141 -6.49 21.26 19.48
CA PHE A 141 -5.59 21.43 18.35
C PHE A 141 -6.19 22.33 17.28
N CYS A 142 -7.44 22.09 16.93
CA CYS A 142 -8.01 22.93 15.88
C CYS A 142 -8.00 24.39 16.31
N ALA A 143 -8.35 24.65 17.56
CA ALA A 143 -8.34 26.04 18.02
C ALA A 143 -6.93 26.62 18.02
N LEU A 144 -5.93 25.80 18.31
CA LEU A 144 -4.56 26.29 18.34
C LEU A 144 -4.00 26.60 16.96
N ILE A 145 -4.14 25.66 16.02
CA ILE A 145 -3.52 25.76 14.71
C ILE A 145 -3.96 27.00 13.94
N ILE A 146 -5.23 27.37 14.05
CA ILE A 146 -5.76 28.53 13.33
C ILE A 146 -5.21 29.85 13.84
N GLN A 147 -4.54 29.83 14.99
CA GLN A 147 -3.97 31.04 15.53
C GLN A 147 -2.65 31.36 14.87
N TYR A 148 -2.00 30.34 14.29
CA TYR A 148 -0.71 30.47 13.63
C TYR A 148 -0.86 31.20 12.31
N GLN A 149 -0.24 32.38 12.19
CA GLN A 149 -0.39 33.17 10.97
C GLN A 149 0.02 32.39 9.73
N GLY A 150 -0.79 32.51 8.69
CA GLY A 150 -0.44 31.93 7.41
C GLY A 150 -0.69 30.46 7.19
N ILE A 151 -0.65 29.66 8.27
CA ILE A 151 -0.76 28.19 8.14
C ILE A 151 -2.01 27.77 7.36
N MET A 152 -3.19 28.16 7.84
CA MET A 152 -4.43 27.74 7.17
C MET A 152 -4.54 28.31 5.75
N GLU A 153 -4.01 29.51 5.52
CA GLU A 153 -4.00 30.05 4.16
C GLU A 153 -3.11 29.24 3.23
N THR A 154 -1.93 28.84 3.71
CA THR A 154 -1.05 28.02 2.89
C THR A 154 -1.70 26.66 2.63
N VAL A 155 -2.32 26.06 3.65
CA VAL A 155 -3.04 24.80 3.45
C VAL A 155 -4.13 24.98 2.41
N ARG A 156 -4.91 26.06 2.51
CA ARG A 156 -6.00 26.29 1.56
C ARG A 156 -5.47 26.38 0.14
N ILE A 157 -4.40 27.17 -0.07
CA ILE A 157 -3.85 27.30 -1.41
C ILE A 157 -3.33 25.97 -1.93
N LEU A 158 -2.57 25.26 -1.10
CA LEU A 158 -2.00 23.98 -1.54
C LEU A 158 -3.08 22.97 -1.89
N LEU A 159 -4.10 22.84 -1.04
CA LEU A 159 -5.14 21.84 -1.26
C LEU A 159 -6.01 22.15 -2.47
N TYR A 160 -6.53 23.38 -2.56
CA TYR A 160 -7.58 23.68 -3.55
C TYR A 160 -7.07 24.34 -4.81
N GLU A 161 -5.86 24.89 -4.81
CA GLU A 161 -5.29 25.57 -5.97
C GLU A 161 -4.06 24.88 -6.53
N THR A 162 -3.07 24.58 -5.71
CA THR A 162 -1.84 23.96 -6.22
C THR A 162 -2.07 22.50 -6.61
N CYS A 163 -2.66 21.73 -5.69
CA CYS A 163 -2.83 20.29 -5.93
C CYS A 163 -3.59 19.99 -7.22
N PRO A 164 -4.73 20.61 -7.52
CA PRO A 164 -5.43 20.21 -8.77
C PRO A 164 -4.58 20.37 -10.02
N ARG A 165 -3.87 21.51 -10.15
CA ARG A 165 -3.05 21.71 -11.34
C ARG A 165 -1.87 20.75 -11.33
N TYR A 166 -1.32 20.46 -10.14
CA TYR A 166 -0.25 19.49 -10.07
C TYR A 166 -0.73 18.14 -10.56
N LEU A 167 -1.87 17.70 -10.02
CA LEU A 167 -2.41 16.39 -10.38
C LEU A 167 -2.59 16.28 -11.88
N LEU A 168 -3.21 17.28 -12.50
CA LEU A 168 -3.44 17.18 -13.93
C LEU A 168 -2.13 17.13 -14.71
N GLY A 169 -1.17 17.99 -14.32
CA GLY A 169 0.10 18.00 -15.01
C GLY A 169 0.84 16.68 -14.89
N VAL A 170 0.78 16.06 -13.72
CA VAL A 170 1.57 14.83 -13.55
C VAL A 170 0.86 13.64 -14.17
N LEU A 171 -0.46 13.57 -14.10
CA LEU A 171 -1.14 12.48 -14.81
C LEU A 171 -0.86 12.55 -16.30
N ASN A 172 -0.78 13.76 -16.85
CA ASN A 172 -0.42 13.86 -18.25
C ASN A 172 1.05 13.52 -18.48
N ALA A 173 1.95 14.11 -17.67
CA ALA A 173 3.39 13.89 -17.87
C ALA A 173 3.77 12.41 -17.79
N GLY A 174 3.12 11.65 -16.91
CA GLY A 174 3.43 10.24 -16.68
C GLY A 174 2.61 9.22 -17.45
N LYS A 175 1.79 9.66 -18.39
CA LYS A 175 0.82 8.76 -19.06
C LYS A 175 1.44 7.51 -19.68
N ALA A 176 2.65 7.60 -20.23
CA ALA A 176 3.19 6.39 -20.88
C ALA A 176 3.40 5.27 -19.88
N ASP A 177 3.68 5.60 -18.62
CA ASP A 177 3.79 4.58 -17.58
C ASP A 177 2.48 4.39 -16.86
N LEU A 178 1.76 5.49 -16.57
CA LEU A 178 0.51 5.38 -15.80
C LEU A 178 -0.59 4.67 -16.56
N GLN A 179 -0.62 4.79 -17.88
CA GLN A 179 -1.67 4.18 -18.66
C GLN A 179 -1.18 2.99 -19.48
N ARG A 180 0.00 2.45 -19.16
CA ARG A 180 0.46 1.28 -19.87
C ARG A 180 -0.42 0.10 -19.50
N GLN A 181 -0.39 -0.92 -20.36
CA GLN A 181 -1.15 -2.14 -20.15
C GLN A 181 -0.15 -3.28 -20.05
N VAL A 182 -0.20 -4.01 -18.94
CA VAL A 182 0.71 -5.12 -18.71
C VAL A 182 -0.16 -6.33 -18.44
N LYS A 183 0.04 -7.39 -19.25
CA LYS A 183 -0.76 -8.60 -19.18
C LYS A 183 -0.40 -9.49 -17.98
N PRO A 184 -1.39 -10.04 -17.29
CA PRO A 184 -1.09 -10.96 -16.19
C PRO A 184 -0.73 -12.33 -16.72
N GLU A 185 -0.13 -13.11 -15.85
CA GLU A 185 0.01 -14.53 -16.11
C GLU A 185 -0.85 -15.19 -15.02
N ALA A 186 -1.29 -16.41 -15.28
CA ALA A 186 -2.19 -17.05 -14.34
C ALA A 186 -1.85 -18.53 -14.24
N TRP A 187 -2.15 -19.10 -13.08
CA TRP A 187 -1.88 -20.54 -12.88
C TRP A 187 -2.78 -21.08 -11.78
N LEU A 188 -2.94 -22.40 -11.79
CA LEU A 188 -3.80 -23.07 -10.82
C LEU A 188 -2.98 -23.86 -9.81
N SER A 189 -3.53 -23.96 -8.60
CA SER A 189 -2.98 -24.84 -7.59
C SER A 189 -4.14 -25.35 -6.75
N SER A 190 -3.87 -26.39 -5.98
N SER A 190 -3.89 -26.41 -5.98
CA SER A 190 -4.88 -26.99 -5.14
CA SER A 190 -4.92 -26.98 -5.14
C SER A 190 -4.46 -26.85 -3.68
C SER A 190 -4.35 -27.25 -3.76
N GLY A 191 -5.26 -27.43 -2.81
CA GLY A 191 -4.85 -27.74 -1.46
C GLY A 191 -6.01 -28.32 -0.69
N PRO A 192 -5.72 -28.93 0.45
CA PRO A 192 -6.79 -29.46 1.28
C PRO A 192 -7.52 -28.35 2.01
N SER A 193 -8.78 -28.60 2.30
CA SER A 193 -9.63 -27.71 3.06
C SER A 193 -10.19 -28.54 4.22
N PRO A 194 -10.58 -27.87 5.31
CA PRO A 194 -11.05 -28.60 6.53
C PRO A 194 -12.12 -29.66 6.38
N GLY A 195 -13.18 -29.43 5.61
CA GLY A 195 -14.20 -30.43 5.50
C GLY A 195 -13.87 -31.77 4.86
N PRO A 196 -14.67 -32.79 5.20
CA PRO A 196 -14.47 -34.13 4.62
C PRO A 196 -14.72 -34.07 3.13
N GLY A 197 -13.84 -34.71 2.37
CA GLY A 197 -13.97 -34.70 0.92
C GLY A 197 -14.16 -33.31 0.36
N ARG A 198 -13.48 -32.33 0.98
CA ARG A 198 -13.46 -30.95 0.55
C ARG A 198 -12.05 -30.58 0.11
N LEU A 199 -11.97 -29.83 -0.99
CA LEU A 199 -10.74 -29.34 -1.58
C LEU A 199 -10.83 -27.84 -1.76
N GLN A 200 -9.68 -27.15 -1.72
CA GLN A 200 -9.65 -25.74 -2.10
C GLN A 200 -8.83 -25.60 -3.38
N LEU A 201 -9.44 -24.99 -4.40
CA LEU A 201 -8.79 -24.71 -5.67
C LEU A 201 -8.36 -23.24 -5.68
N VAL A 202 -7.20 -22.96 -6.25
CA VAL A 202 -6.67 -21.61 -6.24
C VAL A 202 -6.32 -21.19 -7.67
N CYS A 203 -6.81 -20.02 -8.07
CA CYS A 203 -6.46 -19.40 -9.33
C CYS A 203 -5.57 -18.19 -9.00
N HIS A 204 -4.30 -18.25 -9.38
CA HIS A 204 -3.31 -17.20 -9.13
C HIS A 204 -3.21 -16.30 -10.35
N VAL A 205 -3.19 -14.99 -10.13
CA VAL A 205 -3.10 -14.02 -11.21
C VAL A 205 -2.06 -12.99 -10.81
N SER A 206 -0.98 -12.89 -11.58
CA SER A 206 0.13 -12.05 -11.16
C SER A 206 0.70 -11.24 -12.32
N GLY A 207 1.17 -10.04 -12.01
CA GLY A 207 1.91 -9.25 -12.98
C GLY A 207 1.10 -8.33 -13.84
N PHE A 208 -0.15 -8.04 -13.48
CA PHE A 208 -1.04 -7.17 -14.24
C PHE A 208 -0.98 -5.71 -13.78
N TYR A 209 -1.24 -4.82 -14.73
CA TYR A 209 -1.32 -3.38 -14.51
C TYR A 209 -2.15 -2.87 -15.67
N PRO A 210 -3.13 -1.97 -15.44
CA PRO A 210 -3.53 -1.33 -14.19
C PRO A 210 -4.19 -2.30 -13.20
N LYS A 211 -4.54 -1.80 -12.03
CA LYS A 211 -5.05 -2.61 -10.91
C LYS A 211 -6.41 -3.29 -11.13
N PRO A 212 -7.40 -2.67 -11.77
CA PRO A 212 -8.68 -3.36 -11.93
C PRO A 212 -8.52 -4.69 -12.67
N VAL A 213 -9.14 -5.74 -12.11
CA VAL A 213 -9.04 -7.07 -12.70
C VAL A 213 -10.31 -7.84 -12.34
N TRP A 214 -10.64 -8.85 -13.14
CA TRP A 214 -11.81 -9.68 -12.87
C TRP A 214 -11.35 -11.13 -12.94
N VAL A 215 -11.59 -11.88 -11.87
N VAL A 215 -11.55 -11.88 -11.86
CA VAL A 215 -11.16 -13.28 -11.78
CA VAL A 215 -11.15 -13.28 -11.83
C VAL A 215 -12.31 -14.09 -11.19
C VAL A 215 -12.26 -14.09 -11.18
N MET A 216 -12.70 -15.15 -11.86
CA MET A 216 -13.82 -15.94 -11.37
C MET A 216 -13.61 -17.41 -11.63
N TRP A 217 -13.95 -18.23 -10.64
CA TRP A 217 -14.08 -19.64 -10.94
C TRP A 217 -15.40 -19.84 -11.70
N MET A 218 -15.38 -20.71 -12.72
CA MET A 218 -16.48 -20.91 -13.65
C MET A 218 -16.76 -22.38 -13.88
N ARG A 219 -18.00 -22.68 -14.28
CA ARG A 219 -18.38 -23.99 -14.83
C ARG A 219 -19.03 -23.66 -16.17
N GLY A 220 -18.29 -23.80 -17.26
CA GLY A 220 -18.81 -23.40 -18.56
C GLY A 220 -19.09 -21.91 -18.52
N GLU A 221 -20.34 -21.52 -18.76
CA GLU A 221 -20.67 -20.10 -18.69
C GLU A 221 -21.20 -19.69 -17.33
N GLN A 222 -21.35 -20.61 -16.37
CA GLN A 222 -21.86 -20.25 -15.04
C GLN A 222 -20.74 -19.82 -14.09
N GLU A 223 -20.81 -18.57 -13.65
CA GLU A 223 -19.87 -17.99 -12.70
C GLU A 223 -20.14 -18.62 -11.34
N GLN A 224 -19.10 -19.16 -10.70
CA GLN A 224 -19.27 -19.74 -9.36
C GLN A 224 -19.27 -18.64 -8.30
N GLN A 225 -20.46 -18.39 -7.75
CA GLN A 225 -20.66 -17.38 -6.71
C GLN A 225 -19.77 -17.62 -5.50
N GLY A 226 -19.42 -18.87 -5.22
CA GLY A 226 -18.56 -19.25 -4.12
C GLY A 226 -17.12 -18.75 -4.24
N THR A 227 -16.76 -18.15 -5.38
CA THR A 227 -15.42 -17.62 -5.57
C THR A 227 -15.08 -16.61 -4.47
N GLN A 228 -13.95 -16.82 -3.79
CA GLN A 228 -13.47 -15.93 -2.75
C GLN A 228 -12.20 -15.22 -3.22
N LEU A 229 -12.22 -13.91 -3.26
CA LEU A 229 -11.06 -13.11 -3.65
C LEU A 229 -10.12 -12.81 -2.48
N GLY A 230 -8.83 -12.98 -2.69
CA GLY A 230 -7.85 -12.58 -1.70
C GLY A 230 -7.61 -11.07 -1.80
N ASP A 231 -6.75 -10.58 -0.92
CA ASP A 231 -6.37 -9.17 -1.04
C ASP A 231 -5.42 -8.99 -2.21
N ILE A 232 -5.53 -7.86 -2.87
CA ILE A 232 -4.64 -7.57 -3.98
C ILE A 232 -3.30 -7.21 -3.36
N LEU A 233 -2.25 -7.91 -3.73
CA LEU A 233 -0.93 -7.70 -3.13
C LEU A 233 0.02 -7.10 -4.14
N PRO A 234 0.95 -6.26 -3.71
CA PRO A 234 1.88 -5.64 -4.66
C PRO A 234 3.05 -6.53 -5.03
N ASN A 235 3.51 -6.34 -6.26
CA ASN A 235 4.80 -6.82 -6.71
C ASN A 235 5.70 -5.60 -6.80
N ALA A 236 7.00 -5.82 -6.95
CA ALA A 236 7.83 -4.65 -7.22
C ALA A 236 7.54 -4.22 -8.65
N ASN A 237 7.85 -2.98 -8.99
CA ASN A 237 7.68 -2.50 -10.38
C ASN A 237 6.25 -2.41 -10.85
N TRP A 238 5.35 -1.98 -9.94
CA TRP A 238 4.01 -1.54 -10.31
C TRP A 238 3.11 -2.58 -10.99
N THR A 239 3.09 -3.78 -10.43
CA THR A 239 2.10 -4.79 -10.79
C THR A 239 1.57 -5.41 -9.52
N TRP A 240 0.51 -6.20 -9.67
CA TRP A 240 -0.19 -6.80 -8.56
C TRP A 240 -0.34 -8.31 -8.73
N TYR A 241 -0.72 -8.94 -7.61
CA TYR A 241 -0.94 -10.37 -7.46
C TYR A 241 -2.27 -10.53 -6.72
N LEU A 242 -3.08 -11.46 -7.20
CA LEU A 242 -4.38 -11.74 -6.62
C LEU A 242 -4.62 -13.24 -6.71
N ARG A 243 -5.22 -13.82 -5.68
CA ARG A 243 -5.65 -15.21 -5.65
C ARG A 243 -7.16 -15.27 -5.55
N ALA A 244 -7.77 -16.15 -6.34
CA ALA A 244 -9.20 -16.41 -6.26
C ALA A 244 -9.37 -17.88 -5.91
N THR A 245 -10.01 -18.16 -4.79
CA THR A 245 -10.14 -19.52 -4.28
C THR A 245 -11.57 -20.02 -4.37
N LEU A 246 -11.70 -21.35 -4.47
CA LEU A 246 -13.02 -21.99 -4.43
C LEU A 246 -12.96 -23.27 -3.62
N ASP A 247 -13.88 -23.40 -2.68
CA ASP A 247 -13.99 -24.59 -1.87
C ASP A 247 -15.03 -25.51 -2.50
N VAL A 248 -14.66 -26.76 -2.79
N VAL A 248 -14.65 -26.76 -2.80
CA VAL A 248 -15.52 -27.66 -3.59
CA VAL A 248 -15.48 -27.68 -3.56
C VAL A 248 -15.35 -29.09 -3.11
C VAL A 248 -15.37 -29.09 -3.03
N ALA A 249 -16.47 -29.84 -3.11
CA ALA A 249 -16.46 -31.28 -2.88
C ALA A 249 -15.46 -31.98 -3.82
N ASP A 250 -14.88 -33.08 -3.35
CA ASP A 250 -13.88 -33.80 -4.15
C ASP A 250 -14.41 -34.22 -5.51
N GLY A 251 -15.54 -34.87 -5.54
CA GLY A 251 -16.09 -35.37 -6.77
C GLY A 251 -16.72 -34.35 -7.65
N GLU A 252 -16.70 -33.08 -7.27
CA GLU A 252 -17.30 -32.03 -8.07
C GLU A 252 -16.28 -31.01 -8.57
N ALA A 253 -14.98 -31.29 -8.45
CA ALA A 253 -13.99 -30.34 -8.96
C ALA A 253 -13.89 -30.42 -10.47
N ALA A 254 -14.15 -31.59 -11.04
CA ALA A 254 -14.09 -31.72 -12.49
C ALA A 254 -15.13 -30.80 -13.13
N GLY A 255 -14.71 -30.11 -14.19
CA GLY A 255 -15.55 -29.14 -14.87
C GLY A 255 -15.27 -27.68 -14.52
N LEU A 256 -14.49 -27.42 -13.48
CA LEU A 256 -14.17 -26.05 -13.10
C LEU A 256 -13.07 -25.46 -13.95
N SER A 257 -13.16 -24.14 -14.17
CA SER A 257 -12.14 -23.36 -14.86
C SER A 257 -12.02 -22.00 -14.18
N CYS A 258 -10.91 -21.32 -14.39
CA CYS A 258 -10.74 -19.96 -13.91
C CYS A 258 -10.69 -19.04 -15.11
N ARG A 259 -11.47 -17.96 -15.07
N ARG A 259 -11.48 -17.96 -15.08
CA ARG A 259 -11.51 -16.99 -16.15
CA ARG A 259 -11.53 -16.98 -16.16
C ARG A 259 -11.00 -15.66 -15.61
C ARG A 259 -11.01 -15.67 -15.61
N VAL A 260 -10.04 -15.08 -16.32
CA VAL A 260 -9.45 -13.78 -15.97
C VAL A 260 -9.76 -12.78 -17.09
N LYS A 261 -10.28 -11.63 -16.71
CA LYS A 261 -10.52 -10.52 -17.63
C LYS A 261 -9.70 -9.35 -17.12
N HIS A 262 -8.97 -8.72 -18.04
CA HIS A 262 -8.15 -7.56 -17.71
C HIS A 262 -8.08 -6.64 -18.93
N SER A 263 -7.96 -5.33 -18.65
CA SER A 263 -7.90 -4.33 -19.70
C SER A 263 -6.81 -4.62 -20.73
N SER A 264 -5.73 -5.28 -20.34
CA SER A 264 -4.59 -5.51 -21.26
C SER A 264 -4.82 -6.63 -22.26
N LEU A 265 -5.82 -7.48 -22.02
CA LEU A 265 -6.03 -8.72 -22.79
C LEU A 265 -6.76 -8.51 -24.12
N GLU A 266 -7.21 -7.30 -24.41
CA GLU A 266 -7.86 -7.02 -25.68
C GLU A 266 -9.05 -7.94 -25.94
N GLY A 267 -9.84 -8.19 -24.91
CA GLY A 267 -10.99 -9.05 -25.02
C GLY A 267 -10.69 -10.52 -25.09
N GLN A 268 -9.42 -10.91 -25.05
CA GLN A 268 -9.01 -12.31 -25.05
C GLN A 268 -8.76 -12.76 -23.61
N ASP A 269 -9.83 -13.21 -22.95
CA ASP A 269 -9.72 -13.64 -21.57
C ASP A 269 -8.82 -14.84 -21.40
N ILE A 270 -8.13 -14.89 -20.26
CA ILE A 270 -7.36 -16.08 -19.94
C ILE A 270 -8.33 -17.10 -19.36
N ILE A 271 -8.25 -18.35 -19.81
CA ILE A 271 -9.09 -19.40 -19.25
C ILE A 271 -8.21 -20.59 -18.91
N LEU A 272 -8.18 -20.98 -17.66
CA LEU A 272 -7.40 -22.14 -17.23
C LEU A 272 -8.41 -23.20 -16.83
N TYR A 273 -8.13 -24.47 -17.12
CA TYR A 273 -9.07 -25.53 -16.82
C TYR A 273 -8.50 -26.45 -15.76
N TRP A 274 -9.28 -26.73 -14.72
CA TRP A 274 -8.83 -27.66 -13.70
C TRP A 274 -9.06 -29.06 -14.21
N ARG A 275 -8.04 -29.89 -14.11
CA ARG A 275 -8.14 -31.29 -14.50
C ARG A 275 -7.88 -32.13 -13.26
N GLY A 276 -8.58 -33.26 -13.14
CA GLY A 276 -8.50 -34.11 -11.97
C GLY A 276 -7.33 -35.07 -11.89
N SER A 277 -7.36 -35.87 -10.81
CA SER A 277 -6.43 -36.99 -10.55
C SER A 277 -4.96 -36.63 -10.71
N GLY A 278 -4.58 -35.40 -10.38
CA GLY A 278 -3.19 -35.00 -10.50
C GLY A 278 -2.66 -34.75 -11.89
N LEU A 279 -3.55 -34.45 -12.84
CA LEU A 279 -3.13 -34.14 -14.21
C LEU A 279 -2.93 -32.65 -14.42
N ASN A 280 -2.43 -31.95 -13.40
CA ASN A 280 -2.15 -30.52 -13.42
C ASN A 280 -3.46 -29.73 -13.39
N PRO B 1 -5.56 6.06 20.17
CA PRO B 1 -4.24 6.65 20.37
C PRO B 1 -3.36 5.72 21.21
N LYS B 2 -3.64 4.41 21.19
CA LYS B 2 -3.02 3.56 22.19
C LYS B 2 -2.94 2.08 21.79
N ILE B 3 -3.96 1.57 21.12
CA ILE B 3 -4.03 0.15 20.79
C ILE B 3 -3.05 -0.18 19.67
N GLN B 4 -2.12 -1.09 19.92
CA GLN B 4 -1.10 -1.51 18.96
C GLN B 4 -1.62 -2.63 18.05
N ARG B 5 -1.12 -2.70 16.81
CA ARG B 5 -1.58 -3.68 15.84
C ARG B 5 -0.44 -4.56 15.36
N THR B 6 -0.64 -5.88 15.42
CA THR B 6 0.43 -6.80 15.09
C THR B 6 0.48 -6.97 13.57
N PRO B 7 1.67 -7.16 13.00
CA PRO B 7 1.74 -7.22 11.55
C PRO B 7 1.14 -8.51 11.01
N LYS B 8 0.53 -8.37 9.85
CA LYS B 8 0.11 -9.47 9.00
C LYS B 8 1.28 -9.67 8.04
N ILE B 9 1.64 -10.93 7.77
CA ILE B 9 2.82 -11.25 6.97
C ILE B 9 2.42 -12.22 5.87
N GLN B 10 2.59 -11.82 4.60
CA GLN B 10 2.26 -12.65 3.45
C GLN B 10 3.49 -12.82 2.55
N VAL B 11 3.88 -14.07 2.29
CA VAL B 11 5.06 -14.42 1.52
C VAL B 11 4.62 -15.08 0.22
N TYR B 12 5.06 -14.56 -0.92
CA TYR B 12 4.59 -15.09 -2.20
C TYR B 12 5.64 -14.83 -3.28
N SER B 13 5.63 -15.65 -4.32
CA SER B 13 6.56 -15.44 -5.42
C SER B 13 5.88 -14.65 -6.52
N ARG B 14 6.70 -13.91 -7.26
CA ARG B 14 6.18 -13.09 -8.36
C ARG B 14 5.59 -13.93 -9.48
N HIS B 15 6.27 -15.02 -9.80
CA HIS B 15 5.94 -15.99 -10.83
C HIS B 15 5.73 -17.35 -10.20
N PRO B 16 5.00 -18.25 -10.86
CA PRO B 16 4.88 -19.60 -10.32
C PRO B 16 6.26 -20.20 -10.18
N ALA B 17 6.45 -20.91 -9.09
CA ALA B 17 7.74 -21.48 -8.78
C ALA B 17 8.08 -22.61 -9.78
N GLU B 18 9.32 -22.61 -10.26
CA GLU B 18 9.84 -23.68 -11.13
C GLU B 18 11.23 -23.89 -10.64
N ASN B 19 11.50 -25.09 -10.17
CA ASN B 19 12.82 -25.34 -9.64
C ASN B 19 13.90 -25.00 -10.66
N GLY B 20 14.89 -24.21 -10.21
CA GLY B 20 16.02 -23.79 -11.00
C GLY B 20 15.82 -22.57 -11.86
N LYS B 21 14.60 -22.06 -11.95
CA LYS B 21 14.30 -20.89 -12.75
C LYS B 21 14.25 -19.65 -11.85
N SER B 22 14.96 -18.59 -12.26
CA SER B 22 15.02 -17.37 -11.46
C SER B 22 13.63 -16.77 -11.31
N ASN B 23 13.36 -16.17 -10.15
CA ASN B 23 12.07 -15.65 -9.75
C ASN B 23 12.29 -14.50 -8.77
N PHE B 24 11.22 -14.00 -8.17
CA PHE B 24 11.33 -12.98 -7.12
C PHE B 24 10.47 -13.41 -5.93
N LEU B 25 11.02 -13.24 -4.74
CA LEU B 25 10.35 -13.59 -3.49
C LEU B 25 9.91 -12.29 -2.83
N ASN B 26 8.61 -12.20 -2.52
CA ASN B 26 7.94 -11.07 -1.89
C ASN B 26 7.48 -11.37 -0.48
N CYS B 27 7.64 -10.40 0.40
CA CYS B 27 7.09 -10.47 1.75
C CYS B 27 6.37 -9.15 1.98
N TYR B 28 5.05 -9.22 2.11
CA TYR B 28 4.20 -8.06 2.31
C TYR B 28 3.77 -8.01 3.77
N VAL B 29 4.21 -6.96 4.48
CA VAL B 29 3.98 -6.82 5.91
C VAL B 29 3.00 -5.67 6.06
N SER B 30 1.84 -5.94 6.65
CA SER B 30 0.82 -4.89 6.63
C SER B 30 0.00 -4.93 7.92
N GLY B 31 -0.85 -3.92 8.07
CA GLY B 31 -1.76 -3.83 9.20
C GLY B 31 -1.13 -3.58 10.56
N PHE B 32 0.11 -3.10 10.64
CA PHE B 32 0.76 -2.95 11.92
C PHE B 32 0.78 -1.49 12.38
N HIS B 33 0.94 -1.34 13.71
CA HIS B 33 1.02 -0.04 14.34
C HIS B 33 1.63 -0.24 15.72
N PRO B 34 2.63 0.57 16.11
CA PRO B 34 3.28 1.67 15.35
C PRO B 34 4.20 1.22 14.18
N SER B 35 4.83 2.18 13.49
CA SER B 35 5.56 1.89 12.25
C SER B 35 6.90 1.18 12.47
N ASP B 36 7.55 1.34 13.64
CA ASP B 36 8.87 0.75 13.81
C ASP B 36 8.75 -0.76 13.66
N ILE B 37 9.56 -1.33 12.76
CA ILE B 37 9.49 -2.76 12.45
C ILE B 37 10.81 -3.21 11.83
N GLU B 38 11.14 -4.49 12.03
CA GLU B 38 12.33 -5.12 11.48
C GLU B 38 11.89 -6.28 10.60
N VAL B 39 12.34 -6.31 9.34
CA VAL B 39 11.98 -7.39 8.43
C VAL B 39 13.21 -7.96 7.74
N ASP B 40 13.32 -9.29 7.71
CA ASP B 40 14.38 -10.02 7.01
C ASP B 40 13.76 -11.14 6.17
N LEU B 41 14.40 -11.42 5.04
CA LEU B 41 14.09 -12.57 4.20
C LEU B 41 15.17 -13.61 4.46
N LEU B 42 14.76 -14.85 4.62
CA LEU B 42 15.68 -15.91 4.97
C LEU B 42 15.72 -16.96 3.88
N LYS B 43 16.92 -17.52 3.67
CA LYS B 43 17.15 -18.70 2.84
C LYS B 43 17.74 -19.76 3.76
N ASN B 44 16.99 -20.85 3.94
CA ASN B 44 17.39 -21.96 4.80
C ASN B 44 17.79 -21.46 6.18
N GLY B 45 16.97 -20.56 6.70
CA GLY B 45 17.12 -19.97 8.00
C GLY B 45 18.20 -18.92 8.11
N GLU B 46 18.86 -18.55 7.02
CA GLU B 46 19.94 -17.56 7.09
C GLU B 46 19.48 -16.29 6.40
N ARG B 47 19.82 -15.14 7.00
CA ARG B 47 19.42 -13.84 6.45
C ARG B 47 20.02 -13.55 5.06
N ILE B 48 19.16 -13.18 4.12
CA ILE B 48 19.56 -12.74 2.78
C ILE B 48 19.97 -11.28 2.86
N GLU B 49 21.18 -10.96 2.38
CA GLU B 49 21.61 -9.57 2.47
C GLU B 49 21.05 -8.70 1.35
N LYS B 50 20.94 -9.24 0.14
CA LYS B 50 20.51 -8.46 -1.01
C LYS B 50 19.00 -8.43 -1.07
N VAL B 51 18.41 -7.59 -0.23
CA VAL B 51 16.96 -7.46 -0.14
C VAL B 51 16.58 -5.99 -0.31
N GLU B 52 15.53 -5.75 -1.10
CA GLU B 52 15.01 -4.40 -1.30
C GLU B 52 13.69 -4.23 -0.59
N HIS B 53 13.34 -2.98 -0.29
CA HIS B 53 12.04 -2.75 0.35
C HIS B 53 11.53 -1.35 0.00
N SER B 54 10.23 -1.20 0.14
CA SER B 54 9.53 0.03 -0.16
C SER B 54 9.71 1.04 0.96
N ASP B 55 9.42 2.31 0.65
CA ASP B 55 9.39 3.37 1.65
C ASP B 55 8.09 3.19 2.42
N LEU B 56 8.06 3.64 3.67
CA LEU B 56 6.87 3.47 4.53
C LEU B 56 5.60 4.06 3.90
N SER B 57 4.51 3.32 4.02
CA SER B 57 3.21 3.82 3.60
C SER B 57 2.19 3.30 4.59
N PHE B 58 0.93 3.72 4.43
CA PHE B 58 -0.13 3.22 5.30
C PHE B 58 -1.44 3.20 4.53
N SER B 59 -2.38 2.40 5.03
N SER B 59 -2.37 2.37 5.03
CA SER B 59 -3.65 2.21 4.38
CA SER B 59 -3.67 2.19 4.41
C SER B 59 -4.67 3.22 4.92
C SER B 59 -4.68 3.17 4.99
N LYS B 60 -5.92 3.07 4.49
CA LYS B 60 -6.99 3.99 4.90
C LYS B 60 -7.26 3.98 6.40
N ASP B 61 -7.07 2.84 7.06
CA ASP B 61 -7.29 2.77 8.49
C ASP B 61 -6.06 3.16 9.30
N TRP B 62 -5.03 3.71 8.65
CA TRP B 62 -3.77 4.21 9.23
C TRP B 62 -2.77 3.11 9.59
N SER B 63 -3.08 1.85 9.30
N SER B 63 -3.07 1.84 9.34
CA SER B 63 -2.14 0.76 9.47
CA SER B 63 -2.09 0.80 9.62
C SER B 63 -1.00 0.83 8.46
C SER B 63 -1.03 0.77 8.51
N PHE B 64 0.22 0.60 8.93
CA PHE B 64 1.35 0.69 8.03
C PHE B 64 1.50 -0.58 7.20
N TYR B 65 2.20 -0.46 6.06
CA TYR B 65 2.53 -1.61 5.22
C TYR B 65 3.86 -1.36 4.49
N LEU B 66 4.57 -2.45 4.23
CA LEU B 66 5.86 -2.46 3.58
C LEU B 66 5.95 -3.70 2.70
N LEU B 67 6.68 -3.58 1.57
CA LEU B 67 6.96 -4.70 0.70
C LEU B 67 8.47 -4.93 0.70
N TYR B 68 8.90 -6.17 0.99
CA TYR B 68 10.29 -6.58 0.94
C TYR B 68 10.40 -7.60 -0.19
N TYR B 69 11.48 -7.55 -0.98
CA TYR B 69 11.61 -8.50 -2.09
C TYR B 69 13.08 -8.75 -2.41
N THR B 70 13.33 -9.90 -3.04
CA THR B 70 14.68 -10.26 -3.45
C THR B 70 14.56 -11.24 -4.62
N GLU B 71 15.55 -11.24 -5.50
CA GLU B 71 15.59 -12.27 -6.51
C GLU B 71 15.96 -13.60 -5.85
N PHE B 72 15.35 -14.68 -6.31
CA PHE B 72 15.67 -15.98 -5.74
C PHE B 72 15.41 -17.05 -6.78
N THR B 73 16.12 -18.17 -6.64
CA THR B 73 15.97 -19.32 -7.53
C THR B 73 15.49 -20.47 -6.67
N PRO B 74 14.19 -20.74 -6.65
CA PRO B 74 13.68 -21.84 -5.82
C PRO B 74 14.23 -23.20 -6.27
N THR B 75 14.27 -24.11 -5.31
CA THR B 75 14.70 -25.47 -5.57
C THR B 75 13.69 -26.38 -4.86
N GLU B 76 13.85 -27.68 -5.04
CA GLU B 76 12.91 -28.58 -4.38
C GLU B 76 13.13 -28.59 -2.87
N LYS B 77 14.40 -28.47 -2.43
CA LYS B 77 14.74 -28.60 -1.02
C LYS B 77 14.82 -27.27 -0.26
N ASP B 78 15.37 -26.21 -0.86
CA ASP B 78 15.57 -24.93 -0.16
C ASP B 78 14.28 -24.33 0.39
N GLU B 79 14.41 -23.75 1.58
CA GLU B 79 13.33 -23.12 2.33
C GLU B 79 13.55 -21.61 2.42
N TYR B 80 12.51 -20.86 2.12
CA TYR B 80 12.59 -19.41 2.19
C TYR B 80 11.56 -18.91 3.18
N ALA B 81 11.85 -17.78 3.83
CA ALA B 81 10.90 -17.28 4.81
C ALA B 81 11.06 -15.79 5.00
N CYS B 82 10.09 -15.22 5.69
CA CYS B 82 10.10 -13.80 6.07
C CYS B 82 10.05 -13.76 7.59
N ARG B 83 10.99 -13.04 8.20
CA ARG B 83 11.11 -12.97 9.66
C ARG B 83 10.86 -11.53 10.08
N VAL B 84 9.88 -11.33 10.95
CA VAL B 84 9.45 -9.99 11.34
C VAL B 84 9.55 -9.80 12.84
N ASN B 85 10.02 -8.63 13.27
CA ASN B 85 9.97 -8.27 14.69
C ASN B 85 9.28 -6.92 14.81
N HIS B 86 8.42 -6.82 15.82
CA HIS B 86 7.60 -5.64 16.06
C HIS B 86 7.35 -5.59 17.57
N VAL B 87 6.99 -4.40 18.08
CA VAL B 87 6.71 -4.28 19.52
C VAL B 87 5.63 -5.24 19.96
N THR B 88 4.69 -5.57 19.09
CA THR B 88 3.61 -6.48 19.43
C THR B 88 4.05 -7.94 19.49
N LEU B 89 5.24 -8.26 19.01
CA LEU B 89 5.71 -9.63 18.99
C LEU B 89 6.70 -9.86 20.11
N SER B 90 6.52 -10.96 20.84
CA SER B 90 7.43 -11.32 21.91
C SER B 90 8.80 -11.66 21.37
N GLN B 91 8.81 -12.38 20.23
CA GLN B 91 9.98 -12.80 19.52
C GLN B 91 9.65 -12.66 18.04
N PRO B 92 10.64 -12.72 17.15
CA PRO B 92 10.35 -12.66 15.71
C PRO B 92 9.40 -13.75 15.22
N LYS B 93 8.44 -13.34 14.39
CA LYS B 93 7.45 -14.20 13.77
C LYS B 93 8.02 -14.61 12.41
N ILE B 94 8.10 -15.92 12.18
CA ILE B 94 8.66 -16.45 10.95
C ILE B 94 7.55 -17.06 10.12
N VAL B 95 7.37 -16.57 8.90
CA VAL B 95 6.40 -17.14 7.99
C VAL B 95 7.14 -17.72 6.81
N LYS B 96 7.03 -19.03 6.61
CA LYS B 96 7.73 -19.71 5.54
C LYS B 96 6.98 -19.52 4.22
N TRP B 97 7.75 -19.46 3.14
CA TRP B 97 7.15 -19.45 1.83
C TRP B 97 6.57 -20.82 1.48
N ASP B 98 5.34 -20.80 0.95
CA ASP B 98 4.58 -21.98 0.53
C ASP B 98 4.13 -21.77 -0.89
N ARG B 99 4.75 -22.49 -1.82
CA ARG B 99 4.34 -22.37 -3.22
C ARG B 99 2.95 -22.93 -3.46
N ASP B 100 2.56 -23.96 -2.70
CA ASP B 100 1.25 -24.58 -2.83
C ASP B 100 1.03 -25.13 -4.24
#